data_7JXZ
#
_entry.id   7JXZ
#
_cell.length_a   53.740
_cell.length_b   56.310
_cell.length_c   59.050
_cell.angle_alpha   96.200
_cell.angle_beta   108.050
_cell.angle_gamma   117.600
#
_symmetry.space_group_name_H-M   'P 1'
#
loop_
_entity.id
_entity.type
_entity.pdbx_description
1 polymer 'Hemoglobin subunit alpha'
2 polymer 'Hemoglobin subunit beta'
3 non-polymer 'PROTOPORPHYRIN IX CONTAINING FE'
4 non-polymer 'CARBON MONOXIDE'
5 non-polymer 1,4,7,10,13,16-HEXAOXACYCLOOCTADECANE
6 non-polymer 3-{(1S)-1-[5-fluoro-2-(1H-pyrazol-1-yl)phenyl]ethoxy}-5-(3-methyl-1H-pyrazol-4-yl)pyridin-2-amine
7 non-polymer GLYCEROL
8 water water
#
loop_
_entity_poly.entity_id
_entity_poly.type
_entity_poly.pdbx_seq_one_letter_code
_entity_poly.pdbx_strand_id
1 'polypeptide(L)'
;VLSPADKTNVKAAWGKVGAHAGEYGAEALERMFLSFPTTKTYFPHFDLSHGSAQVKGHGKKVADALTNAVAHVDDMPNAL
SALSDLHAHKLRVDPVNFKLLSHCLLVTLAAHLPAEFTPAVHASLDKFLASVSTVLTSKYR
;
A,C
2 'polypeptide(L)'
;VHLTPEEKSAVTALWGKVNVDEVGGEALGRLLVVYPWTQRFFESFGDLSTPDAVMGNPKVKAHGKKVLGAFSDGLAHLDN
LKGTFATLSELHCDKLHVDPENFRLLGNVLVCVLAHHFGKEFTPPVQAAYQKVVAGVANALAHKYH
;
B,D
#
# COMPACT_ATOMS: atom_id res chain seq x y z
N VAL A 1 11.37 8.99 0.40
CA VAL A 1 12.47 9.93 0.12
C VAL A 1 13.43 9.93 1.31
N LEU A 2 14.69 9.53 1.04
CA LEU A 2 15.72 9.40 2.07
C LEU A 2 16.29 10.73 2.56
N SER A 3 16.26 10.91 3.89
CA SER A 3 16.84 12.09 4.55
C SER A 3 18.35 11.85 4.68
N PRO A 4 19.18 12.86 5.02
CA PRO A 4 20.63 12.59 5.16
C PRO A 4 20.91 11.53 6.23
N ALA A 5 20.21 11.64 7.39
CA ALA A 5 20.27 10.72 8.54
C ALA A 5 20.02 9.28 8.10
N ASP A 6 18.98 9.04 7.27
CA ASP A 6 18.60 7.72 6.74
C ASP A 6 19.72 7.04 5.98
N LYS A 7 20.33 7.76 5.04
CA LYS A 7 21.41 7.27 4.20
C LYS A 7 22.60 6.91 5.07
N THR A 8 22.92 7.76 6.06
CA THR A 8 23.98 7.56 7.02
C THR A 8 23.69 6.28 7.84
N ASN A 9 22.47 6.17 8.40
CA ASN A 9 21.99 5.06 9.21
C ASN A 9 22.09 3.72 8.45
N VAL A 10 21.67 3.71 7.17
CA VAL A 10 21.67 2.52 6.31
C VAL A 10 23.10 2.03 6.04
N LYS A 11 24.02 2.95 5.69
CA LYS A 11 25.45 2.68 5.43
C LYS A 11 26.14 2.02 6.62
N ALA A 12 25.80 2.48 7.84
CA ALA A 12 26.38 1.99 9.10
C ALA A 12 25.78 0.66 9.52
N ALA A 13 24.47 0.46 9.29
CA ALA A 13 23.77 -0.78 9.61
C ALA A 13 24.17 -1.88 8.64
N TRP A 14 24.13 -1.58 7.32
CA TRP A 14 24.50 -2.51 6.26
C TRP A 14 25.99 -2.83 6.23
N GLY A 15 26.81 -1.87 6.61
CA GLY A 15 28.26 -2.02 6.70
C GLY A 15 28.67 -2.97 7.82
N LYS A 16 27.77 -3.15 8.83
CA LYS A 16 27.95 -4.06 9.96
C LYS A 16 27.61 -5.51 9.57
N VAL A 17 26.95 -5.68 8.42
CA VAL A 17 26.58 -6.99 7.85
C VAL A 17 27.86 -7.57 7.18
N GLY A 18 28.48 -6.78 6.29
CA GLY A 18 29.71 -7.09 5.57
C GLY A 18 29.85 -8.47 4.98
N ALA A 19 30.59 -9.34 5.71
CA ALA A 19 30.86 -10.73 5.34
C ALA A 19 29.61 -11.62 5.46
N HIS A 20 28.74 -11.31 6.44
CA HIS A 20 27.50 -12.02 6.72
C HIS A 20 26.31 -11.47 5.88
N ALA A 21 26.58 -10.95 4.67
CA ALA A 21 25.56 -10.38 3.78
C ALA A 21 24.73 -11.46 3.10
N GLY A 22 25.41 -12.43 2.49
CA GLY A 22 24.81 -13.55 1.78
C GLY A 22 23.88 -14.38 2.63
N GLU A 23 24.34 -14.71 3.87
CA GLU A 23 23.60 -15.50 4.84
C GLU A 23 22.35 -14.80 5.32
N TYR A 24 22.42 -13.47 5.55
CA TYR A 24 21.22 -12.72 5.97
C TYR A 24 20.24 -12.58 4.79
N GLY A 25 20.79 -12.47 3.59
CA GLY A 25 20.06 -12.42 2.33
C GLY A 25 19.34 -13.73 2.05
N ALA A 26 20.01 -14.87 2.37
CA ALA A 26 19.45 -16.24 2.21
C ALA A 26 18.36 -16.52 3.26
N GLU A 27 18.60 -16.09 4.51
CA GLU A 27 17.64 -16.23 5.59
C GLU A 27 16.37 -15.38 5.33
N ALA A 28 16.54 -14.16 4.76
CA ALA A 28 15.40 -13.28 4.45
C ALA A 28 14.51 -13.91 3.40
N LEU A 29 15.13 -14.64 2.45
CA LEU A 29 14.42 -15.36 1.40
C LEU A 29 13.67 -16.50 2.03
N GLU A 30 14.35 -17.32 2.87
CA GLU A 30 13.73 -18.46 3.56
C GLU A 30 12.58 -18.00 4.46
N ARG A 31 12.72 -16.84 5.13
CA ARG A 31 11.68 -16.26 5.98
C ARG A 31 10.48 -15.86 5.13
N MET A 32 10.74 -15.32 3.91
CA MET A 32 9.68 -14.94 2.98
C MET A 32 8.95 -16.19 2.45
N PHE A 33 9.70 -17.20 2.00
CA PHE A 33 9.13 -18.45 1.48
C PHE A 33 8.26 -19.22 2.51
N LEU A 34 8.61 -19.12 3.82
CA LEU A 34 7.87 -19.75 4.90
C LEU A 34 6.61 -18.97 5.32
N SER A 35 6.77 -17.68 5.62
CA SER A 35 5.69 -16.79 6.07
C SER A 35 4.70 -16.43 5.01
N PHE A 36 5.19 -16.31 3.75
CA PHE A 36 4.36 -15.88 2.61
C PHE A 36 4.58 -16.86 1.46
N PRO A 37 3.92 -18.03 1.50
CA PRO A 37 4.18 -19.09 0.49
C PRO A 37 3.85 -18.77 -0.98
N THR A 38 3.17 -17.68 -1.25
CA THR A 38 2.80 -17.27 -2.61
C THR A 38 4.01 -16.71 -3.34
N THR A 39 4.99 -16.18 -2.59
CA THR A 39 6.26 -15.64 -3.11
C THR A 39 7.06 -16.77 -3.76
N LYS A 40 6.81 -18.03 -3.35
CA LYS A 40 7.48 -19.21 -3.87
C LYS A 40 7.19 -19.40 -5.34
N THR A 41 5.98 -18.97 -5.81
CA THR A 41 5.56 -19.05 -7.22
C THR A 41 6.53 -18.34 -8.20
N TYR A 42 7.32 -17.37 -7.72
CA TYR A 42 8.28 -16.65 -8.55
C TYR A 42 9.52 -17.48 -8.78
N PHE A 43 9.69 -18.53 -7.95
CA PHE A 43 10.85 -19.40 -8.00
C PHE A 43 10.46 -20.87 -8.21
N PRO A 44 9.79 -21.25 -9.33
CA PRO A 44 9.49 -22.69 -9.51
C PRO A 44 10.74 -23.51 -9.87
N HIS A 45 11.77 -22.85 -10.43
CA HIS A 45 13.06 -23.43 -10.82
C HIS A 45 14.01 -23.59 -9.64
N PHE A 46 13.56 -23.14 -8.46
CA PHE A 46 14.38 -23.22 -7.27
C PHE A 46 14.11 -24.38 -6.35
N ASP A 47 15.18 -24.96 -5.83
CA ASP A 47 15.10 -25.95 -4.78
C ASP A 47 14.98 -25.01 -3.56
N LEU A 48 13.82 -25.02 -2.88
CA LEU A 48 13.55 -24.14 -1.74
C LEU A 48 13.58 -24.87 -0.39
N SER A 49 14.29 -26.00 -0.33
CA SER A 49 14.46 -26.80 0.89
C SER A 49 15.42 -26.04 1.85
N HIS A 50 15.55 -26.52 3.11
CA HIS A 50 16.47 -25.86 4.03
C HIS A 50 17.93 -26.20 3.70
N GLY A 51 18.78 -25.18 3.76
CA GLY A 51 20.20 -25.28 3.45
C GLY A 51 20.46 -25.40 1.98
N SER A 52 19.51 -24.88 1.17
CA SER A 52 19.52 -24.90 -0.30
C SER A 52 20.68 -24.10 -0.88
N ALA A 53 21.38 -24.70 -1.86
CA ALA A 53 22.51 -24.06 -2.54
C ALA A 53 22.02 -22.92 -3.43
N GLN A 54 20.79 -23.04 -4.01
CA GLN A 54 20.17 -21.99 -4.84
C GLN A 54 19.73 -20.81 -4.01
N VAL A 55 19.08 -21.05 -2.84
CA VAL A 55 18.61 -19.98 -1.93
C VAL A 55 19.83 -19.27 -1.30
N LYS A 56 20.87 -20.03 -0.89
CA LYS A 56 22.09 -19.44 -0.34
C LYS A 56 22.79 -18.51 -1.37
N GLY A 57 22.92 -19.00 -2.61
CA GLY A 57 23.51 -18.26 -3.72
C GLY A 57 22.68 -17.08 -4.15
N HIS A 58 21.33 -17.22 -4.09
CA HIS A 58 20.43 -16.12 -4.45
C HIS A 58 20.44 -15.04 -3.38
N GLY A 59 20.54 -15.44 -2.13
CA GLY A 59 20.63 -14.52 -0.99
C GLY A 59 21.87 -13.65 -1.04
N LYS A 60 22.98 -14.18 -1.60
CA LYS A 60 24.23 -13.45 -1.79
C LYS A 60 24.04 -12.36 -2.83
N LYS A 61 23.38 -12.67 -3.97
CA LYS A 61 23.11 -11.73 -5.06
C LYS A 61 22.24 -10.59 -4.57
N VAL A 62 21.11 -10.92 -3.87
CA VAL A 62 20.17 -9.96 -3.28
C VAL A 62 20.91 -9.01 -2.34
N ALA A 63 21.71 -9.55 -1.39
CA ALA A 63 22.51 -8.74 -0.48
C ALA A 63 23.58 -7.88 -1.17
N ASP A 64 24.21 -8.38 -2.28
CA ASP A 64 25.21 -7.64 -3.09
C ASP A 64 24.56 -6.54 -3.91
N ALA A 65 23.30 -6.77 -4.31
CA ALA A 65 22.48 -5.82 -5.03
C ALA A 65 22.14 -4.68 -4.06
N LEU A 66 21.88 -5.04 -2.78
CA LEU A 66 21.57 -4.06 -1.73
C LEU A 66 22.81 -3.28 -1.33
N THR A 67 23.98 -3.96 -1.30
CA THR A 67 25.28 -3.34 -1.05
C THR A 67 25.49 -2.25 -2.12
N ASN A 68 25.40 -2.63 -3.41
CA ASN A 68 25.57 -1.74 -4.57
C ASN A 68 24.61 -0.55 -4.50
N ALA A 69 23.36 -0.80 -4.03
CA ALA A 69 22.30 0.19 -3.85
C ALA A 69 22.66 1.18 -2.72
N VAL A 70 23.31 0.71 -1.64
CA VAL A 70 23.81 1.52 -0.52
C VAL A 70 24.90 2.47 -1.07
N ALA A 71 25.91 1.90 -1.80
CA ALA A 71 27.01 2.65 -2.43
C ALA A 71 26.54 3.67 -3.51
N HIS A 72 25.31 3.49 -4.02
CA HIS A 72 24.73 4.40 -5.04
C HIS A 72 23.34 4.85 -4.61
N VAL A 73 23.17 5.15 -3.31
CA VAL A 73 21.91 5.52 -2.67
C VAL A 73 21.23 6.75 -3.33
N ASP A 74 22.01 7.67 -3.88
CA ASP A 74 21.57 8.88 -4.58
C ASP A 74 21.45 8.68 -6.11
N ASP A 75 21.67 7.43 -6.60
CA ASP A 75 21.65 7.11 -8.03
C ASP A 75 21.18 5.69 -8.32
N MET A 76 20.18 5.21 -7.56
CA MET A 76 19.61 3.88 -7.72
C MET A 76 18.93 3.67 -9.09
N PRO A 77 18.11 4.61 -9.67
CA PRO A 77 17.57 4.33 -11.02
C PRO A 77 18.65 4.00 -12.07
N ASN A 78 19.82 4.63 -12.01
CA ASN A 78 20.90 4.26 -12.94
C ASN A 78 21.66 2.97 -12.51
N ALA A 79 22.02 2.85 -11.23
CA ALA A 79 22.78 1.71 -10.69
C ALA A 79 21.99 0.38 -10.64
N LEU A 80 20.64 0.46 -10.58
CA LEU A 80 19.76 -0.71 -10.49
C LEU A 80 18.84 -0.86 -11.70
N SER A 81 19.19 -0.23 -12.84
CA SER A 81 18.41 -0.32 -14.08
C SER A 81 18.31 -1.75 -14.61
N ALA A 82 19.39 -2.54 -14.48
CA ALA A 82 19.39 -3.93 -14.91
C ALA A 82 18.40 -4.76 -14.08
N LEU A 83 18.35 -4.54 -12.75
CA LEU A 83 17.45 -5.27 -11.85
C LEU A 83 16.00 -4.78 -11.97
N SER A 84 15.81 -3.50 -12.35
CA SER A 84 14.50 -2.92 -12.62
C SER A 84 13.96 -3.57 -13.89
N ASP A 85 14.80 -3.75 -14.93
CA ASP A 85 14.41 -4.47 -16.14
C ASP A 85 14.02 -5.90 -15.79
N LEU A 86 14.85 -6.62 -14.99
CA LEU A 86 14.57 -7.95 -14.48
C LEU A 86 13.23 -8.07 -13.71
N HIS A 87 13.00 -7.28 -12.65
CA HIS A 87 11.80 -7.41 -11.81
C HIS A 87 10.56 -6.70 -12.31
N ALA A 88 10.72 -5.56 -13.03
CA ALA A 88 9.56 -4.83 -13.59
C ALA A 88 9.23 -5.23 -15.03
N HIS A 89 10.25 -5.36 -15.92
CA HIS A 89 9.95 -5.69 -17.34
C HIS A 89 9.77 -7.18 -17.56
N LYS A 90 10.73 -8.03 -17.09
CA LYS A 90 10.72 -9.47 -17.29
C LYS A 90 9.86 -10.24 -16.29
N LEU A 91 10.14 -10.13 -14.97
CA LEU A 91 9.44 -10.91 -13.95
C LEU A 91 8.07 -10.37 -13.56
N ARG A 92 7.84 -9.05 -13.76
CA ARG A 92 6.57 -8.38 -13.43
C ARG A 92 6.15 -8.74 -11.98
N VAL A 93 7.12 -8.64 -11.04
CA VAL A 93 6.90 -8.95 -9.62
C VAL A 93 5.89 -7.96 -9.02
N ASP A 94 4.83 -8.50 -8.41
CA ASP A 94 3.85 -7.68 -7.75
C ASP A 94 4.59 -7.00 -6.60
N PRO A 95 4.53 -5.63 -6.49
CA PRO A 95 5.22 -4.92 -5.41
C PRO A 95 4.88 -5.33 -3.98
N VAL A 96 3.79 -6.04 -3.74
CA VAL A 96 3.45 -6.52 -2.38
C VAL A 96 4.57 -7.46 -1.87
N ASN A 97 5.19 -8.20 -2.80
CA ASN A 97 6.26 -9.17 -2.54
C ASN A 97 7.51 -8.50 -2.05
N PHE A 98 7.77 -7.28 -2.55
CA PHE A 98 8.89 -6.43 -2.15
C PHE A 98 8.69 -5.97 -0.72
N LYS A 99 7.46 -5.65 -0.32
CA LYS A 99 7.11 -5.30 1.07
C LYS A 99 7.41 -6.51 2.01
N LEU A 100 7.00 -7.72 1.63
CA LEU A 100 7.22 -8.96 2.38
C LEU A 100 8.71 -9.31 2.47
N LEU A 101 9.50 -9.12 1.39
CA LEU A 101 10.94 -9.41 1.43
C LEU A 101 11.67 -8.41 2.33
N SER A 102 11.31 -7.15 2.20
CA SER A 102 11.82 -6.02 2.97
C SER A 102 11.60 -6.29 4.45
N HIS A 103 10.35 -6.63 4.81
CA HIS A 103 9.96 -6.99 6.17
C HIS A 103 10.82 -8.16 6.67
N CYS A 104 11.00 -9.19 5.82
CA CYS A 104 11.79 -10.38 6.19
C CYS A 104 13.24 -10.08 6.36
N LEU A 105 13.78 -9.11 5.56
CA LEU A 105 15.14 -8.58 5.65
C LEU A 105 15.27 -7.84 6.98
N LEU A 106 14.24 -7.03 7.35
CA LEU A 106 14.22 -6.27 8.61
C LEU A 106 14.21 -7.22 9.83
N VAL A 107 13.40 -8.30 9.73
CA VAL A 107 13.26 -9.37 10.72
C VAL A 107 14.59 -10.09 10.94
N THR A 108 15.32 -10.38 9.82
CA THR A 108 16.62 -11.04 9.83
C THR A 108 17.64 -10.13 10.52
N LEU A 109 17.69 -8.82 10.14
CA LEU A 109 18.59 -7.81 10.73
C LEU A 109 18.30 -7.64 12.23
N ALA A 110 16.99 -7.63 12.61
CA ALA A 110 16.52 -7.52 13.99
C ALA A 110 17.00 -8.68 14.85
N ALA A 111 16.98 -9.89 14.30
CA ALA A 111 17.36 -11.12 14.98
C ALA A 111 18.88 -11.26 15.21
N HIS A 112 19.68 -11.02 14.17
CA HIS A 112 21.11 -11.23 14.16
C HIS A 112 21.94 -10.04 14.59
N LEU A 113 21.45 -8.81 14.33
CA LEU A 113 22.15 -7.58 14.71
C LEU A 113 21.29 -6.74 15.71
N PRO A 114 20.99 -7.24 16.94
CA PRO A 114 20.12 -6.46 17.84
C PRO A 114 20.67 -5.09 18.24
N ALA A 115 21.98 -5.02 18.59
CA ALA A 115 22.67 -3.77 18.98
C ALA A 115 22.57 -2.64 17.94
N GLU A 116 22.50 -3.00 16.63
CA GLU A 116 22.44 -2.06 15.51
C GLU A 116 21.02 -1.69 15.14
N PHE A 117 20.08 -2.62 15.34
CA PHE A 117 18.68 -2.46 15.01
C PHE A 117 17.90 -1.57 15.99
N THR A 118 18.22 -0.29 16.00
CA THR A 118 17.56 0.69 16.86
C THR A 118 16.30 1.17 16.13
N PRO A 119 15.34 1.87 16.82
CA PRO A 119 14.14 2.39 16.11
C PRO A 119 14.44 3.31 14.92
N ALA A 120 15.49 4.14 15.03
CA ALA A 120 15.96 5.08 14.00
C ALA A 120 16.51 4.33 12.76
N VAL A 121 17.29 3.27 13.00
CA VAL A 121 17.90 2.45 11.96
C VAL A 121 16.80 1.64 11.27
N HIS A 122 15.89 1.05 12.05
CA HIS A 122 14.72 0.32 11.58
C HIS A 122 13.97 1.24 10.60
N ALA A 123 13.61 2.47 11.04
CA ALA A 123 12.93 3.49 10.21
C ALA A 123 13.67 3.75 8.88
N SER A 124 14.98 4.04 8.97
CA SER A 124 15.88 4.31 7.84
C SER A 124 16.02 3.19 6.84
N LEU A 125 16.14 1.93 7.34
CA LEU A 125 16.25 0.75 6.49
C LEU A 125 14.93 0.44 5.79
N ASP A 126 13.80 0.64 6.49
CA ASP A 126 12.47 0.45 5.93
C ASP A 126 12.26 1.44 4.76
N LYS A 127 12.70 2.69 4.92
CA LYS A 127 12.63 3.73 3.88
C LYS A 127 13.55 3.36 2.70
N PHE A 128 14.77 2.89 3.00
CA PHE A 128 15.75 2.41 2.01
C PHE A 128 15.19 1.23 1.17
N LEU A 129 14.77 0.17 1.87
CA LEU A 129 14.18 -0.98 1.23
C LEU A 129 12.93 -0.64 0.48
N ALA A 130 12.16 0.38 0.91
CA ALA A 130 10.98 0.84 0.14
C ALA A 130 11.42 1.59 -1.14
N SER A 131 12.53 2.37 -1.06
CA SER A 131 13.10 3.14 -2.18
C SER A 131 13.64 2.22 -3.25
N VAL A 132 14.36 1.17 -2.84
CA VAL A 132 14.91 0.14 -3.72
C VAL A 132 13.75 -0.60 -4.39
N SER A 133 12.77 -1.06 -3.59
CA SER A 133 11.60 -1.77 -4.11
C SER A 133 10.90 -0.97 -5.22
N THR A 134 10.70 0.34 -5.02
CA THR A 134 10.12 1.25 -6.00
C THR A 134 10.89 1.23 -7.32
N VAL A 135 12.23 1.29 -7.24
CA VAL A 135 13.14 1.25 -8.40
C VAL A 135 13.04 -0.11 -9.14
N LEU A 136 13.05 -1.26 -8.40
CA LEU A 136 12.98 -2.59 -9.01
C LEU A 136 11.59 -2.95 -9.56
N THR A 137 10.51 -2.37 -9.02
CA THR A 137 9.14 -2.64 -9.48
C THR A 137 8.59 -1.58 -10.44
N SER A 138 9.40 -0.57 -10.82
CA SER A 138 8.99 0.48 -11.75
C SER A 138 9.57 0.28 -13.13
N LYS A 139 8.81 0.67 -14.14
CA LYS A 139 9.24 0.65 -15.52
C LYS A 139 9.65 2.08 -15.81
N TYR A 140 10.95 2.35 -15.98
CA TYR A 140 11.42 3.72 -16.19
C TYR A 140 12.43 3.91 -17.35
N ARG A 141 12.58 2.89 -18.22
CA ARG A 141 13.51 3.13 -19.30
C ARG A 141 12.81 3.36 -20.66
N VAL B 1 -8.11 -17.64 12.88
CA VAL B 1 -6.83 -18.14 12.38
C VAL B 1 -6.66 -19.62 12.76
N HIS B 2 -6.12 -20.41 11.82
CA HIS B 2 -5.81 -21.81 12.05
C HIS B 2 -4.29 -21.94 12.17
N LEU B 3 -3.82 -22.71 13.15
CA LEU B 3 -2.41 -22.98 13.38
C LEU B 3 -2.22 -24.44 13.69
N THR B 4 -1.12 -25.05 13.22
CA THR B 4 -0.83 -26.47 13.48
C THR B 4 -0.48 -26.63 14.97
N PRO B 5 -0.78 -27.79 15.62
CA PRO B 5 -0.45 -27.94 17.06
C PRO B 5 1.02 -27.62 17.40
N GLU B 6 1.94 -27.81 16.43
CA GLU B 6 3.36 -27.52 16.52
C GLU B 6 3.61 -25.99 16.45
N GLU B 7 2.83 -25.27 15.63
CA GLU B 7 2.89 -23.81 15.50
C GLU B 7 2.27 -23.17 16.74
N LYS B 8 1.13 -23.72 17.21
CA LYS B 8 0.37 -23.31 18.40
C LYS B 8 1.29 -23.35 19.62
N SER B 9 2.09 -24.43 19.74
CA SER B 9 3.06 -24.64 20.81
C SER B 9 4.25 -23.70 20.68
N ALA B 10 4.78 -23.50 19.45
CA ALA B 10 5.94 -22.61 19.24
C ALA B 10 5.58 -21.16 19.54
N VAL B 11 4.31 -20.79 19.27
CA VAL B 11 3.79 -19.45 19.50
C VAL B 11 3.61 -19.22 21.01
N THR B 12 2.89 -20.12 21.71
CA THR B 12 2.63 -20.06 23.15
C THR B 12 3.95 -20.01 23.94
N ALA B 13 4.93 -20.87 23.56
CA ALA B 13 6.25 -20.98 24.20
C ALA B 13 7.01 -19.66 24.24
N LEU B 14 7.22 -19.04 23.06
CA LEU B 14 7.92 -17.76 22.93
C LEU B 14 7.11 -16.61 23.57
N TRP B 15 5.78 -16.65 23.46
CA TRP B 15 4.91 -15.62 24.01
C TRP B 15 4.89 -15.60 25.53
N GLY B 16 5.07 -16.77 26.16
CA GLY B 16 5.16 -16.90 27.60
C GLY B 16 6.39 -16.20 28.17
N LYS B 17 7.44 -16.07 27.31
CA LYS B 17 8.73 -15.45 27.63
C LYS B 17 8.82 -13.96 27.33
N VAL B 18 7.75 -13.38 26.73
CA VAL B 18 7.67 -11.96 26.35
C VAL B 18 7.80 -11.00 27.57
N ASN B 19 8.66 -9.95 27.45
CA ASN B 19 8.80 -8.92 28.48
C ASN B 19 7.60 -7.99 28.30
N VAL B 20 6.56 -8.19 29.13
CA VAL B 20 5.28 -7.49 29.08
C VAL B 20 5.42 -5.98 29.24
N ASP B 21 6.46 -5.55 29.94
CA ASP B 21 6.72 -4.13 30.16
C ASP B 21 7.43 -3.44 28.99
N GLU B 22 8.13 -4.19 28.12
CA GLU B 22 8.92 -3.57 27.05
C GLU B 22 8.49 -3.78 25.60
N VAL B 23 8.05 -5.00 25.26
CA VAL B 23 7.71 -5.43 23.90
C VAL B 23 6.60 -4.57 23.26
N GLY B 24 5.53 -4.31 24.01
CA GLY B 24 4.38 -3.51 23.58
C GLY B 24 4.73 -2.06 23.32
N GLY B 25 5.41 -1.44 24.30
CA GLY B 25 5.90 -0.06 24.21
C GLY B 25 6.92 0.07 23.09
N GLU B 26 7.68 -1.01 22.84
CA GLU B 26 8.67 -1.02 21.75
C GLU B 26 7.97 -1.13 20.43
N ALA B 27 6.95 -2.00 20.32
CA ALA B 27 6.20 -2.17 19.09
C ALA B 27 5.49 -0.87 18.73
N LEU B 28 4.80 -0.25 19.70
CA LEU B 28 4.13 1.04 19.49
C LEU B 28 5.15 2.15 19.22
N GLY B 29 6.26 2.16 19.97
CA GLY B 29 7.31 3.14 19.77
C GLY B 29 7.85 3.10 18.34
N ARG B 30 8.22 1.91 17.89
CA ARG B 30 8.73 1.68 16.55
C ARG B 30 7.71 1.93 15.47
N LEU B 31 6.42 1.75 15.77
CA LEU B 31 5.34 2.07 14.83
C LEU B 31 5.39 3.58 14.55
N LEU B 32 5.48 4.42 15.62
CA LEU B 32 5.50 5.88 15.61
C LEU B 32 6.77 6.43 14.98
N VAL B 33 7.90 5.71 15.15
CA VAL B 33 9.20 6.10 14.57
C VAL B 33 9.26 5.73 13.08
N VAL B 34 8.99 4.46 12.75
CA VAL B 34 9.05 3.96 11.36
C VAL B 34 7.94 4.53 10.49
N TYR B 35 6.75 4.74 11.05
CA TYR B 35 5.63 5.30 10.27
C TYR B 35 5.21 6.58 10.96
N PRO B 36 5.92 7.71 10.70
CA PRO B 36 5.67 8.95 11.46
C PRO B 36 4.23 9.49 11.43
N TRP B 37 3.42 9.17 10.40
CA TRP B 37 2.04 9.65 10.34
C TRP B 37 1.18 9.12 11.48
N THR B 38 1.57 7.95 12.06
CA THR B 38 0.82 7.32 13.15
C THR B 38 0.86 8.16 14.43
N GLN B 39 1.83 9.10 14.55
CA GLN B 39 2.00 10.03 15.69
C GLN B 39 0.82 11.01 15.85
N ARG B 40 0.06 11.23 14.76
CA ARG B 40 -1.11 12.11 14.74
C ARG B 40 -2.22 11.60 15.65
N PHE B 41 -2.38 10.27 15.73
CA PHE B 41 -3.42 9.60 16.53
C PHE B 41 -3.07 9.62 18.04
N PHE B 42 -1.80 9.89 18.35
CA PHE B 42 -1.24 9.89 19.69
C PHE B 42 -0.69 11.25 20.12
N GLU B 43 -1.39 12.33 19.76
CA GLU B 43 -1.02 13.71 20.08
C GLU B 43 -1.04 14.00 21.57
N SER B 44 -1.99 13.40 22.32
CA SER B 44 -2.17 13.56 23.77
C SER B 44 -0.95 13.04 24.59
N PHE B 45 -0.08 12.27 23.94
CA PHE B 45 1.10 11.66 24.55
C PHE B 45 2.20 12.67 24.80
N GLY B 46 2.13 13.81 24.13
CA GLY B 46 3.11 14.87 24.26
C GLY B 46 4.26 14.75 23.29
N ASP B 47 5.48 14.76 23.83
CA ASP B 47 6.75 14.71 23.08
C ASP B 47 6.97 13.38 22.36
N LEU B 48 6.88 13.43 21.02
CA LEU B 48 7.10 12.31 20.10
C LEU B 48 7.91 12.82 18.87
N SER B 49 8.81 13.78 19.11
CA SER B 49 9.60 14.43 18.07
C SER B 49 10.88 13.69 17.64
N THR B 50 11.48 12.88 18.55
CA THR B 50 12.70 12.11 18.24
C THR B 50 12.45 10.62 18.59
N PRO B 51 13.23 9.64 18.05
CA PRO B 51 13.03 8.24 18.51
C PRO B 51 13.24 8.12 20.03
N ASP B 52 14.22 8.85 20.60
CA ASP B 52 14.52 8.83 22.04
C ASP B 52 13.35 9.31 22.91
N ALA B 53 12.68 10.41 22.48
CA ALA B 53 11.49 10.96 23.16
C ALA B 53 10.29 10.00 23.06
N VAL B 54 10.16 9.25 21.92
CA VAL B 54 9.10 8.27 21.66
C VAL B 54 9.31 7.00 22.55
N MET B 55 10.54 6.44 22.53
CA MET B 55 10.88 5.22 23.28
C MET B 55 10.93 5.43 24.80
N GLY B 56 11.19 6.65 25.26
CA GLY B 56 11.23 6.99 26.67
C GLY B 56 9.95 7.61 27.21
N ASN B 57 8.92 7.79 26.35
CA ASN B 57 7.62 8.39 26.69
C ASN B 57 6.80 7.37 27.50
N PRO B 58 6.36 7.71 28.75
CA PRO B 58 5.60 6.72 29.54
C PRO B 58 4.21 6.39 29.01
N LYS B 59 3.61 7.24 28.17
CA LYS B 59 2.30 6.97 27.59
C LYS B 59 2.42 5.93 26.48
N VAL B 60 3.54 5.95 25.73
CA VAL B 60 3.81 4.99 24.65
C VAL B 60 3.97 3.61 25.28
N LYS B 61 4.76 3.55 26.37
CA LYS B 61 5.05 2.35 27.14
C LYS B 61 3.79 1.77 27.78
N ALA B 62 2.95 2.62 28.40
CA ALA B 62 1.72 2.17 29.03
C ALA B 62 0.67 1.75 28.01
N HIS B 63 0.46 2.54 26.94
CA HIS B 63 -0.47 2.18 25.87
C HIS B 63 0.03 0.92 25.12
N GLY B 64 1.35 0.78 24.97
CA GLY B 64 1.96 -0.37 24.33
C GLY B 64 1.72 -1.66 25.08
N LYS B 65 1.63 -1.57 26.42
CA LYS B 65 1.32 -2.70 27.28
C LYS B 65 -0.15 -3.07 26.96
N LYS B 66 -1.06 -2.07 26.84
CA LYS B 66 -2.48 -2.31 26.48
C LYS B 66 -2.59 -3.02 25.13
N VAL B 67 -1.83 -2.55 24.11
CA VAL B 67 -1.75 -3.11 22.74
C VAL B 67 -1.29 -4.57 22.80
N LEU B 68 -0.17 -4.83 23.50
CA LEU B 68 0.37 -6.18 23.70
C LEU B 68 -0.66 -7.12 24.35
N GLY B 69 -1.45 -6.60 25.29
CA GLY B 69 -2.53 -7.31 25.98
C GLY B 69 -3.67 -7.66 25.05
N ALA B 70 -3.96 -6.79 24.07
CA ALA B 70 -4.99 -7.03 23.06
C ALA B 70 -4.48 -8.13 22.12
N PHE B 71 -3.16 -8.13 21.79
CA PHE B 71 -2.54 -9.19 20.98
C PHE B 71 -2.61 -10.56 21.71
N SER B 72 -2.35 -10.55 23.03
CA SER B 72 -2.36 -11.71 23.92
C SER B 72 -3.78 -12.33 23.96
N ASP B 73 -4.80 -11.46 24.05
CA ASP B 73 -6.23 -11.78 24.04
C ASP B 73 -6.56 -12.47 22.72
N GLY B 74 -6.03 -11.94 21.61
CA GLY B 74 -6.19 -12.49 20.28
C GLY B 74 -5.66 -13.91 20.16
N LEU B 75 -4.47 -14.14 20.74
CA LEU B 75 -3.80 -15.43 20.79
C LEU B 75 -4.55 -16.46 21.66
N ALA B 76 -5.28 -15.99 22.68
CA ALA B 76 -6.09 -16.81 23.58
C ALA B 76 -7.43 -17.19 22.94
N HIS B 77 -7.84 -16.48 21.85
CA HIS B 77 -9.10 -16.71 21.15
C HIS B 77 -8.92 -16.72 19.62
N LEU B 78 -7.87 -17.39 19.12
CA LEU B 78 -7.53 -17.51 17.69
C LEU B 78 -8.67 -17.91 16.77
N ASP B 79 -9.56 -18.81 17.27
CA ASP B 79 -10.74 -19.37 16.62
C ASP B 79 -11.91 -18.37 16.47
N ASN B 80 -11.82 -17.21 17.17
CA ASN B 80 -12.79 -16.13 17.10
C ASN B 80 -12.17 -14.76 17.37
N LEU B 81 -11.36 -14.27 16.43
CA LEU B 81 -10.71 -12.96 16.55
C LEU B 81 -11.74 -11.86 16.25
N LYS B 82 -12.65 -12.14 15.30
CA LYS B 82 -13.74 -11.24 14.90
C LYS B 82 -14.57 -10.81 16.10
N GLY B 83 -15.02 -11.79 16.89
CA GLY B 83 -15.80 -11.56 18.10
C GLY B 83 -15.00 -10.87 19.19
N THR B 84 -13.75 -11.33 19.40
CA THR B 84 -12.77 -10.82 20.39
C THR B 84 -12.47 -9.33 20.19
N PHE B 85 -12.25 -8.89 18.93
CA PHE B 85 -11.96 -7.47 18.64
C PHE B 85 -13.19 -6.71 18.15
N ALA B 86 -14.41 -7.13 18.52
CA ALA B 86 -15.63 -6.45 18.09
C ALA B 86 -15.65 -4.94 18.43
N THR B 87 -15.68 -4.59 19.72
CA THR B 87 -15.69 -3.22 20.24
C THR B 87 -14.36 -2.52 19.93
N LEU B 88 -13.24 -3.25 19.91
CA LEU B 88 -11.96 -2.66 19.59
C LEU B 88 -11.89 -2.23 18.11
N SER B 89 -12.52 -3.00 17.20
CA SER B 89 -12.62 -2.66 15.77
C SER B 89 -13.54 -1.42 15.61
N GLU B 90 -14.57 -1.29 16.48
CA GLU B 90 -15.50 -0.16 16.47
C GLU B 90 -14.77 1.12 16.79
N LEU B 91 -14.06 1.12 17.92
CA LEU B 91 -13.29 2.26 18.43
C LEU B 91 -12.25 2.78 17.38
N HIS B 92 -11.49 1.86 16.76
CA HIS B 92 -10.47 2.24 15.77
C HIS B 92 -11.05 2.73 14.46
N CYS B 93 -12.09 2.03 13.97
CA CYS B 93 -12.70 2.37 12.70
C CYS B 93 -13.57 3.61 12.83
N ASP B 94 -14.69 3.50 13.54
CA ASP B 94 -15.70 4.54 13.68
C ASP B 94 -15.36 5.70 14.60
N LYS B 95 -14.35 5.59 15.48
CA LYS B 95 -14.10 6.71 16.39
C LYS B 95 -12.68 7.28 16.30
N LEU B 96 -11.67 6.43 16.00
CA LEU B 96 -10.28 6.88 15.90
C LEU B 96 -9.90 7.21 14.44
N HIS B 97 -10.68 6.66 13.47
CA HIS B 97 -10.51 6.82 12.02
C HIS B 97 -9.10 6.32 11.55
N VAL B 98 -8.64 5.16 12.08
CA VAL B 98 -7.32 4.60 11.73
C VAL B 98 -7.45 3.81 10.43
N ASP B 99 -6.61 4.11 9.43
CA ASP B 99 -6.65 3.33 8.19
C ASP B 99 -6.19 1.91 8.51
N PRO B 100 -7.00 0.88 8.14
CA PRO B 100 -6.62 -0.51 8.43
C PRO B 100 -5.21 -0.91 8.04
N GLU B 101 -4.59 -0.29 6.99
CA GLU B 101 -3.22 -0.59 6.55
C GLU B 101 -2.26 -0.45 7.70
N ASN B 102 -2.56 0.49 8.60
CA ASN B 102 -1.78 0.72 9.81
C ASN B 102 -1.79 -0.48 10.76
N PHE B 103 -2.90 -1.29 10.79
CA PHE B 103 -3.02 -2.49 11.65
C PHE B 103 -2.01 -3.51 11.17
N ARG B 104 -1.88 -3.65 9.82
CA ARG B 104 -0.89 -4.51 9.21
C ARG B 104 0.52 -3.96 9.52
N LEU B 105 0.67 -2.64 9.55
CA LEU B 105 1.96 -2.04 9.88
C LEU B 105 2.39 -2.35 11.31
N LEU B 106 1.49 -2.19 12.31
CA LEU B 106 1.78 -2.53 13.71
C LEU B 106 2.01 -4.05 13.97
N GLY B 107 1.28 -4.91 13.24
CA GLY B 107 1.46 -6.35 13.33
C GLY B 107 2.87 -6.78 12.97
N ASN B 108 3.43 -6.15 11.90
CA ASN B 108 4.78 -6.44 11.39
C ASN B 108 5.88 -5.85 12.23
N VAL B 109 5.62 -4.70 12.86
CA VAL B 109 6.53 -4.04 13.79
C VAL B 109 6.67 -4.93 15.05
N LEU B 110 5.55 -5.50 15.53
CA LEU B 110 5.55 -6.41 16.69
C LEU B 110 6.44 -7.63 16.43
N VAL B 111 6.32 -8.22 15.22
CA VAL B 111 7.10 -9.34 14.72
C VAL B 111 8.61 -8.93 14.71
N CYS B 112 8.92 -7.70 14.26
CA CYS B 112 10.28 -7.14 14.26
C CYS B 112 10.79 -7.07 15.68
N VAL B 113 9.95 -6.61 16.62
CA VAL B 113 10.30 -6.51 18.04
C VAL B 113 10.52 -7.94 18.63
N LEU B 114 9.66 -8.92 18.27
CA LEU B 114 9.84 -10.33 18.74
C LEU B 114 11.15 -10.92 18.24
N ALA B 115 11.54 -10.60 16.99
CA ALA B 115 12.79 -11.00 16.35
C ALA B 115 13.97 -10.40 17.10
N HIS B 116 13.85 -9.11 17.43
CA HIS B 116 14.82 -8.30 18.15
C HIS B 116 15.01 -8.80 19.58
N HIS B 117 13.91 -9.17 20.25
CA HIS B 117 13.94 -9.67 21.63
C HIS B 117 14.43 -11.11 21.73
N PHE B 118 13.97 -11.99 20.84
CA PHE B 118 14.31 -13.40 20.92
C PHE B 118 15.46 -13.85 20.06
N GLY B 119 15.94 -13.01 19.14
CA GLY B 119 17.09 -13.31 18.28
C GLY B 119 16.91 -14.54 17.42
N LYS B 120 17.88 -15.48 17.49
CA LYS B 120 17.90 -16.73 16.71
C LYS B 120 16.77 -17.69 17.06
N GLU B 121 16.16 -17.52 18.26
CA GLU B 121 15.02 -18.29 18.75
C GLU B 121 13.72 -17.94 18.02
N PHE B 122 13.70 -16.79 17.33
CA PHE B 122 12.58 -16.37 16.50
C PHE B 122 12.91 -16.92 15.10
N THR B 123 12.79 -18.24 14.94
CA THR B 123 13.14 -18.98 13.73
C THR B 123 12.17 -18.69 12.56
N PRO B 124 12.54 -18.94 11.27
CA PRO B 124 11.56 -18.78 10.18
C PRO B 124 10.22 -19.51 10.42
N PRO B 125 10.12 -20.79 10.91
CA PRO B 125 8.79 -21.38 11.19
C PRO B 125 8.00 -20.71 12.32
N VAL B 126 8.72 -20.15 13.32
CA VAL B 126 8.12 -19.43 14.44
C VAL B 126 7.57 -18.09 13.90
N GLN B 127 8.38 -17.39 13.03
CA GLN B 127 7.94 -16.14 12.39
C GLN B 127 6.67 -16.37 11.58
N ALA B 128 6.65 -17.41 10.72
CA ALA B 128 5.54 -17.77 9.86
C ALA B 128 4.21 -17.92 10.63
N ALA B 129 4.26 -18.55 11.83
CA ALA B 129 3.13 -18.77 12.76
C ALA B 129 2.65 -17.44 13.33
N TYR B 130 3.60 -16.55 13.71
CA TYR B 130 3.30 -15.21 14.20
C TYR B 130 2.72 -14.30 13.11
N GLN B 131 3.09 -14.58 11.82
CA GLN B 131 2.55 -13.82 10.68
C GLN B 131 1.07 -14.14 10.51
N LYS B 132 0.68 -15.41 10.76
CA LYS B 132 -0.73 -15.81 10.65
C LYS B 132 -1.54 -15.13 11.75
N VAL B 133 -0.99 -15.10 12.97
CA VAL B 133 -1.56 -14.48 14.17
C VAL B 133 -1.78 -12.97 13.98
N VAL B 134 -0.72 -12.19 13.59
CA VAL B 134 -0.80 -10.73 13.42
C VAL B 134 -1.67 -10.33 12.23
N ALA B 135 -1.70 -11.15 11.15
CA ALA B 135 -2.55 -10.92 9.98
C ALA B 135 -4.01 -11.12 10.42
N GLY B 136 -4.25 -12.13 11.26
CA GLY B 136 -5.55 -12.41 11.86
C GLY B 136 -6.03 -11.28 12.74
N VAL B 137 -5.14 -10.76 13.62
CA VAL B 137 -5.43 -9.61 14.51
C VAL B 137 -5.74 -8.33 13.66
N ALA B 138 -4.87 -8.01 12.65
CA ALA B 138 -5.01 -6.87 11.73
C ALA B 138 -6.35 -6.92 10.98
N ASN B 139 -6.72 -8.10 10.49
CA ASN B 139 -7.95 -8.38 9.77
C ASN B 139 -9.19 -8.26 10.66
N ALA B 140 -9.16 -8.87 11.86
CA ALA B 140 -10.23 -8.84 12.87
C ALA B 140 -10.53 -7.42 13.35
N LEU B 141 -9.47 -6.57 13.43
CA LEU B 141 -9.56 -5.17 13.84
C LEU B 141 -10.08 -4.33 12.68
N ALA B 142 -9.88 -4.80 11.43
CA ALA B 142 -10.36 -4.12 10.22
C ALA B 142 -11.87 -4.36 10.01
N HIS B 143 -12.40 -5.51 10.49
CA HIS B 143 -13.76 -6.06 10.34
C HIS B 143 -14.90 -5.03 10.30
N LYS B 144 -14.78 -3.86 10.98
CA LYS B 144 -15.85 -2.87 10.97
C LYS B 144 -16.00 -2.15 9.62
N TYR B 145 -14.98 -2.22 8.72
CA TYR B 145 -15.07 -1.69 7.35
C TYR B 145 -15.65 -2.79 6.45
N HIS B 146 -15.59 -4.07 6.92
CA HIS B 146 -16.06 -5.25 6.19
C HIS B 146 -17.54 -5.55 6.45
N VAL C 1 9.21 5.38 -10.09
CA VAL C 1 10.27 6.04 -10.86
C VAL C 1 9.74 6.36 -12.26
N LEU C 2 9.67 7.65 -12.58
CA LEU C 2 9.13 8.16 -13.85
C LEU C 2 10.07 8.00 -15.00
N SER C 3 9.59 7.33 -16.08
CA SER C 3 10.31 7.09 -17.33
C SER C 3 10.28 8.38 -18.17
N PRO C 4 11.06 8.51 -19.27
CA PRO C 4 10.98 9.76 -20.06
C PRO C 4 9.57 10.00 -20.61
N ALA C 5 8.93 8.94 -21.14
CA ALA C 5 7.57 8.92 -21.67
C ALA C 5 6.55 9.44 -20.65
N ASP C 6 6.64 9.01 -19.39
CA ASP C 6 5.78 9.46 -18.28
C ASP C 6 5.80 10.96 -18.07
N LYS C 7 7.01 11.53 -17.96
CA LYS C 7 7.23 12.96 -17.77
C LYS C 7 6.63 13.74 -18.96
N THR C 8 6.81 13.22 -20.21
CA THR C 8 6.29 13.83 -21.47
C THR C 8 4.75 13.75 -21.49
N ASN C 9 4.20 12.64 -21.02
CA ASN C 9 2.77 12.39 -20.93
C ASN C 9 2.10 13.32 -19.91
N VAL C 10 2.73 13.48 -18.72
CA VAL C 10 2.22 14.29 -17.62
C VAL C 10 2.18 15.77 -17.99
N LYS C 11 3.28 16.30 -18.59
CA LYS C 11 3.43 17.68 -19.06
C LYS C 11 2.33 18.07 -20.05
N ALA C 12 2.00 17.14 -20.98
CA ALA C 12 1.01 17.33 -22.03
C ALA C 12 -0.41 17.23 -21.50
N ALA C 13 -0.66 16.31 -20.55
CA ALA C 13 -1.96 16.13 -19.93
C ALA C 13 -2.27 17.29 -18.99
N TRP C 14 -1.32 17.63 -18.09
CA TRP C 14 -1.46 18.73 -17.14
C TRP C 14 -1.49 20.10 -17.80
N GLY C 15 -0.76 20.25 -18.91
CA GLY C 15 -0.71 21.47 -19.70
C GLY C 15 -2.02 21.76 -20.39
N LYS C 16 -2.85 20.71 -20.59
CA LYS C 16 -4.18 20.80 -21.21
C LYS C 16 -5.24 21.26 -20.19
N VAL C 17 -4.96 21.10 -18.86
CA VAL C 17 -5.85 21.54 -17.76
C VAL C 17 -5.94 23.06 -17.81
N GLY C 18 -4.79 23.70 -18.03
CA GLY C 18 -4.63 25.15 -18.16
C GLY C 18 -5.30 25.96 -17.08
N ALA C 19 -6.17 26.90 -17.51
CA ALA C 19 -6.93 27.83 -16.67
C ALA C 19 -7.81 27.19 -15.60
N HIS C 20 -8.33 25.96 -15.87
CA HIS C 20 -9.26 25.24 -15.01
C HIS C 20 -8.59 24.38 -13.94
N ALA C 21 -7.28 24.57 -13.71
CA ALA C 21 -6.46 23.87 -12.72
C ALA C 21 -7.04 23.96 -11.30
N GLY C 22 -7.47 25.15 -10.91
CA GLY C 22 -8.10 25.40 -9.61
C GLY C 22 -9.40 24.64 -9.45
N GLU C 23 -10.27 24.69 -10.48
CA GLU C 23 -11.57 24.02 -10.54
C GLU C 23 -11.42 22.50 -10.48
N TYR C 24 -10.43 21.93 -11.20
CA TYR C 24 -10.23 20.47 -11.16
C TYR C 24 -9.65 20.07 -9.81
N GLY C 25 -8.83 20.96 -9.23
CA GLY C 25 -8.24 20.80 -7.91
C GLY C 25 -9.28 20.85 -6.82
N ALA C 26 -10.28 21.73 -6.97
CA ALA C 26 -11.42 21.91 -6.04
C ALA C 26 -12.38 20.70 -6.13
N GLU C 27 -12.66 20.24 -7.35
CA GLU C 27 -13.52 19.08 -7.60
C GLU C 27 -12.87 17.79 -7.06
N ALA C 28 -11.53 17.64 -7.18
CA ALA C 28 -10.81 16.47 -6.68
C ALA C 28 -10.90 16.39 -5.16
N LEU C 29 -10.88 17.57 -4.51
CA LEU C 29 -11.04 17.69 -3.05
C LEU C 29 -12.44 17.31 -2.67
N GLU C 30 -13.46 17.88 -3.35
CA GLU C 30 -14.88 17.56 -3.08
C GLU C 30 -15.17 16.09 -3.32
N ARG C 31 -14.54 15.47 -4.36
CA ARG C 31 -14.70 14.04 -4.66
C ARG C 31 -14.11 13.22 -3.53
N MET C 32 -12.96 13.68 -2.96
CA MET C 32 -12.32 13.00 -1.83
C MET C 32 -13.16 13.11 -0.57
N PHE C 33 -13.65 14.33 -0.24
CA PHE C 33 -14.49 14.57 0.96
C PHE C 33 -15.80 13.77 0.95
N LEU C 34 -16.37 13.53 -0.24
CA LEU C 34 -17.62 12.76 -0.41
C LEU C 34 -17.40 11.25 -0.34
N SER C 35 -16.48 10.72 -1.18
CA SER C 35 -16.16 9.30 -1.27
C SER C 35 -15.46 8.73 -0.07
N PHE C 36 -14.58 9.55 0.55
CA PHE C 36 -13.74 9.13 1.67
C PHE C 36 -13.89 10.16 2.81
N PRO C 37 -14.98 10.08 3.59
CA PRO C 37 -15.25 11.11 4.63
C PRO C 37 -14.26 11.27 5.78
N THR C 38 -13.30 10.34 5.92
CA THR C 38 -12.30 10.41 6.98
C THR C 38 -11.24 11.47 6.66
N THR C 39 -11.08 11.78 5.36
CA THR C 39 -10.15 12.80 4.86
C THR C 39 -10.59 14.18 5.35
N LYS C 40 -11.90 14.32 5.69
CA LYS C 40 -12.49 15.56 6.16
C LYS C 40 -11.88 15.96 7.49
N THR C 41 -11.46 14.98 8.32
CA THR C 41 -10.82 15.21 9.64
C THR C 41 -9.56 16.08 9.59
N TYR C 42 -8.89 16.16 8.41
CA TYR C 42 -7.69 16.97 8.23
C TYR C 42 -8.06 18.41 8.05
N PHE C 43 -9.35 18.67 7.74
CA PHE C 43 -9.85 20.01 7.49
C PHE C 43 -11.00 20.39 8.44
N PRO C 44 -10.81 20.41 9.79
CA PRO C 44 -11.94 20.83 10.65
C PRO C 44 -12.22 22.32 10.56
N HIS C 45 -11.20 23.12 10.17
CA HIS C 45 -11.25 24.58 10.00
C HIS C 45 -11.88 24.97 8.66
N PHE C 46 -12.25 23.97 7.85
CA PHE C 46 -12.81 24.22 6.54
C PHE C 46 -14.32 24.14 6.47
N ASP C 47 -14.91 25.07 5.72
CA ASP C 47 -16.30 25.00 5.36
C ASP C 47 -16.20 24.05 4.15
N LEU C 48 -16.76 22.85 4.26
CA LEU C 48 -16.70 21.82 3.21
C LEU C 48 -18.03 21.63 2.47
N SER C 49 -18.88 22.66 2.48
CA SER C 49 -20.17 22.66 1.77
C SER C 49 -19.91 22.77 0.25
N HIS C 50 -20.96 22.59 -0.59
CA HIS C 50 -20.75 22.74 -2.03
C HIS C 50 -20.61 24.21 -2.43
N GLY C 51 -19.65 24.47 -3.34
CA GLY C 51 -19.35 25.81 -3.83
C GLY C 51 -18.61 26.64 -2.78
N SER C 52 -17.90 25.95 -1.88
CA SER C 52 -17.14 26.52 -0.77
C SER C 52 -15.98 27.39 -1.26
N ALA C 53 -15.83 28.60 -0.68
CA ALA C 53 -14.74 29.51 -1.00
C ALA C 53 -13.39 28.96 -0.55
N GLN C 54 -13.37 28.21 0.59
CA GLN C 54 -12.17 27.57 1.13
C GLN C 54 -11.73 26.39 0.28
N VAL C 55 -12.67 25.52 -0.16
CA VAL C 55 -12.36 24.35 -1.01
C VAL C 55 -11.93 24.82 -2.41
N LYS C 56 -12.60 25.84 -2.98
CA LYS C 56 -12.22 26.40 -4.27
C LYS C 56 -10.78 26.98 -4.24
N GLY C 57 -10.48 27.78 -3.20
CA GLY C 57 -9.17 28.38 -2.97
C GLY C 57 -8.11 27.35 -2.68
N HIS C 58 -8.47 26.28 -1.94
CA HIS C 58 -7.54 25.22 -1.62
C HIS C 58 -7.21 24.36 -2.85
N GLY C 59 -8.21 24.13 -3.68
CA GLY C 59 -8.07 23.41 -4.93
C GLY C 59 -7.11 24.07 -5.90
N LYS C 60 -7.07 25.41 -5.87
CA LYS C 60 -6.16 26.23 -6.70
C LYS C 60 -4.73 26.00 -6.26
N LYS C 61 -4.47 26.02 -4.93
CA LYS C 61 -3.13 25.83 -4.36
C LYS C 61 -2.61 24.43 -4.70
N VAL C 62 -3.45 23.38 -4.47
CA VAL C 62 -3.14 21.97 -4.77
C VAL C 62 -2.73 21.83 -6.25
N ALA C 63 -3.58 22.34 -7.17
CA ALA C 63 -3.28 22.32 -8.60
C ALA C 63 -2.02 23.13 -9.00
N ASP C 64 -1.72 24.27 -8.32
CA ASP C 64 -0.52 25.09 -8.55
C ASP C 64 0.74 24.42 -8.01
N ALA C 65 0.57 23.62 -6.94
CA ALA C 65 1.61 22.82 -6.32
C ALA C 65 1.96 21.72 -7.31
N LEU C 66 0.94 21.15 -7.99
CA LEU C 66 1.11 20.10 -8.99
C LEU C 66 1.72 20.64 -10.26
N THR C 67 1.34 21.86 -10.64
CA THR C 67 1.93 22.59 -11.78
C THR C 67 3.44 22.72 -11.53
N ASN C 68 3.82 23.30 -10.36
CA ASN C 68 5.21 23.51 -9.94
C ASN C 68 6.00 22.20 -9.94
N ALA C 69 5.34 21.09 -9.52
CA ALA C 69 5.88 19.74 -9.48
C ALA C 69 6.15 19.21 -10.90
N VAL C 70 5.26 19.53 -11.86
CA VAL C 70 5.41 19.17 -13.29
C VAL C 70 6.66 19.91 -13.85
N ALA C 71 6.75 21.23 -13.61
CA ALA C 71 7.86 22.07 -14.03
C ALA C 71 9.20 21.70 -13.36
N HIS C 72 9.16 20.94 -12.26
CA HIS C 72 10.38 20.49 -11.55
C HIS C 72 10.30 18.98 -11.28
N VAL C 73 9.82 18.22 -12.28
CA VAL C 73 9.58 16.77 -12.24
C VAL C 73 10.84 15.97 -11.84
N ASP C 74 12.03 16.45 -12.22
CA ASP C 74 13.34 15.85 -11.92
C ASP C 74 13.97 16.43 -10.62
N ASP C 75 13.28 17.38 -9.95
CA ASP C 75 13.77 18.04 -8.72
C ASP C 75 12.66 18.25 -7.63
N MET C 76 11.69 17.33 -7.54
CA MET C 76 10.58 17.46 -6.57
C MET C 76 11.05 17.47 -5.10
N PRO C 77 12.02 16.65 -4.60
CA PRO C 77 12.44 16.82 -3.19
C PRO C 77 12.91 18.26 -2.86
N ASN C 78 13.58 18.95 -3.80
CA ASN C 78 13.95 20.34 -3.56
C ASN C 78 12.76 21.34 -3.75
N ALA C 79 12.02 21.20 -4.85
CA ALA C 79 10.90 22.08 -5.20
C ALA C 79 9.67 21.95 -4.30
N LEU C 80 9.48 20.79 -3.64
CA LEU C 80 8.34 20.50 -2.77
C LEU C 80 8.71 20.26 -1.32
N SER C 81 9.91 20.70 -0.88
CA SER C 81 10.34 20.55 0.52
C SER C 81 9.42 21.29 1.49
N ALA C 82 8.93 22.47 1.10
CA ALA C 82 8.03 23.26 1.93
C ALA C 82 6.72 22.51 2.17
N LEU C 83 6.18 21.84 1.13
CA LEU C 83 4.94 21.08 1.23
C LEU C 83 5.17 19.75 1.92
N SER C 84 6.43 19.28 1.96
CA SER C 84 6.81 18.07 2.68
C SER C 84 6.88 18.41 4.17
N ASP C 85 7.42 19.60 4.53
CA ASP C 85 7.43 20.15 5.91
C ASP C 85 5.99 20.22 6.39
N LEU C 86 5.12 20.74 5.52
CA LEU C 86 3.71 20.84 5.80
C LEU C 86 2.97 19.47 6.01
N HIS C 87 3.01 18.56 5.03
CA HIS C 87 2.25 17.31 5.11
C HIS C 87 2.90 16.17 5.89
N ALA C 88 4.24 16.08 5.87
CA ALA C 88 4.93 15.01 6.57
C ALA C 88 5.30 15.40 8.00
N HIS C 89 5.85 16.61 8.23
CA HIS C 89 6.28 17.04 9.57
C HIS C 89 5.16 17.64 10.40
N LYS C 90 4.45 18.64 9.86
CA LYS C 90 3.38 19.33 10.60
C LYS C 90 2.07 18.54 10.63
N LEU C 91 1.48 18.24 9.45
CA LEU C 91 0.18 17.59 9.36
C LEU C 91 0.19 16.08 9.59
N ARG C 92 1.34 15.43 9.36
CA ARG C 92 1.52 13.98 9.52
C ARG C 92 0.37 13.23 8.81
N VAL C 93 0.07 13.64 7.55
CA VAL C 93 -1.01 13.05 6.74
C VAL C 93 -0.68 11.58 6.47
N ASP C 94 -1.63 10.70 6.81
CA ASP C 94 -1.47 9.29 6.55
C ASP C 94 -1.42 9.17 5.01
N PRO C 95 -0.35 8.53 4.45
CA PRO C 95 -0.24 8.37 2.98
C PRO C 95 -1.41 7.71 2.27
N VAL C 96 -2.31 7.01 2.96
CA VAL C 96 -3.51 6.40 2.33
C VAL C 96 -4.39 7.53 1.70
N ASN C 97 -4.38 8.72 2.33
CA ASN C 97 -5.13 9.90 1.91
C ASN C 97 -4.63 10.45 0.62
N PHE C 98 -3.31 10.34 0.38
CA PHE C 98 -2.66 10.76 -0.86
C PHE C 98 -3.08 9.86 -2.00
N LYS C 99 -3.26 8.54 -1.73
CA LYS C 99 -3.78 7.57 -2.71
C LYS C 99 -5.21 7.96 -3.13
N LEU C 100 -6.08 8.29 -2.14
CA LEU C 100 -7.46 8.69 -2.36
C LEU C 100 -7.56 10.03 -3.10
N LEU C 101 -6.68 11.02 -2.81
CA LEU C 101 -6.70 12.31 -3.50
C LEU C 101 -6.26 12.16 -4.94
N SER C 102 -5.20 11.37 -5.14
CA SER C 102 -4.62 11.02 -6.43
C SER C 102 -5.67 10.41 -7.30
N HIS C 103 -6.36 9.39 -6.76
CA HIS C 103 -7.44 8.70 -7.43
C HIS C 103 -8.53 9.70 -7.83
N CYS C 104 -8.91 10.62 -6.90
CA CYS C 104 -9.95 11.61 -7.15
C CYS C 104 -9.55 12.62 -8.17
N LEU C 105 -8.23 12.96 -8.23
CA LEU C 105 -7.61 13.83 -9.24
C LEU C 105 -7.68 13.12 -10.60
N LEU C 106 -7.39 11.80 -10.62
CA LEU C 106 -7.43 10.99 -11.85
C LEU C 106 -8.87 10.90 -12.40
N VAL C 107 -9.85 10.74 -11.49
CA VAL C 107 -11.28 10.68 -11.76
C VAL C 107 -11.77 12.01 -12.36
N THR C 108 -11.27 13.15 -11.80
CA THR C 108 -11.62 14.50 -12.25
C THR C 108 -11.06 14.71 -13.66
N LEU C 109 -9.77 14.33 -13.90
CA LEU C 109 -9.12 14.42 -15.22
C LEU C 109 -9.83 13.54 -16.27
N ALA C 110 -10.26 12.33 -15.85
CA ALA C 110 -10.99 11.35 -16.68
C ALA C 110 -12.33 11.92 -17.13
N ALA C 111 -13.03 12.63 -16.22
CA ALA C 111 -14.35 13.20 -16.47
C ALA C 111 -14.35 14.42 -17.41
N HIS C 112 -13.44 15.37 -17.15
CA HIS C 112 -13.36 16.64 -17.85
C HIS C 112 -12.48 16.65 -19.08
N LEU C 113 -11.43 15.81 -19.11
CA LEU C 113 -10.50 15.70 -20.26
C LEU C 113 -10.51 14.27 -20.85
N PRO C 114 -11.64 13.78 -21.41
CA PRO C 114 -11.66 12.38 -21.91
C PRO C 114 -10.67 12.08 -23.04
N ALA C 115 -10.57 12.96 -24.06
CA ALA C 115 -9.66 12.85 -25.20
C ALA C 115 -8.18 12.70 -24.81
N GLU C 116 -7.76 13.30 -23.66
CA GLU C 116 -6.38 13.29 -23.16
C GLU C 116 -6.12 12.11 -22.26
N PHE C 117 -7.14 11.67 -21.52
CA PHE C 117 -7.06 10.58 -20.55
C PHE C 117 -7.01 9.18 -21.20
N THR C 118 -5.93 8.89 -21.89
CA THR C 118 -5.70 7.60 -22.55
C THR C 118 -5.10 6.66 -21.50
N PRO C 119 -5.06 5.31 -21.75
CA PRO C 119 -4.43 4.39 -20.77
C PRO C 119 -2.97 4.70 -20.42
N ALA C 120 -2.20 5.18 -21.41
CA ALA C 120 -0.78 5.56 -21.26
C ALA C 120 -0.62 6.82 -20.34
N VAL C 121 -1.50 7.80 -20.54
CA VAL C 121 -1.51 9.04 -19.79
C VAL C 121 -1.98 8.74 -18.35
N HIS C 122 -3.04 7.96 -18.19
CA HIS C 122 -3.57 7.48 -16.93
C HIS C 122 -2.41 6.84 -16.16
N ALA C 123 -1.68 5.87 -16.76
CA ALA C 123 -0.51 5.20 -16.17
C ALA C 123 0.55 6.21 -15.68
N SER C 124 0.96 7.14 -16.56
CA SER C 124 1.94 8.19 -16.32
C SER C 124 1.58 9.18 -15.22
N LEU C 125 0.28 9.61 -15.17
CA LEU C 125 -0.20 10.51 -14.13
C LEU C 125 -0.29 9.83 -12.79
N ASP C 126 -0.71 8.55 -12.76
CA ASP C 126 -0.77 7.72 -11.56
C ASP C 126 0.63 7.58 -10.95
N LYS C 127 1.65 7.40 -11.80
CA LYS C 127 3.05 7.30 -11.36
C LYS C 127 3.55 8.66 -10.85
N PHE C 128 3.17 9.75 -11.52
CA PHE C 128 3.54 11.10 -11.16
C PHE C 128 2.89 11.46 -9.80
N LEU C 129 1.60 11.11 -9.63
CA LEU C 129 0.86 11.38 -8.41
C LEU C 129 1.41 10.58 -7.22
N ALA C 130 1.86 9.35 -7.44
CA ALA C 130 2.48 8.51 -6.38
C ALA C 130 3.81 9.12 -5.94
N SER C 131 4.65 9.55 -6.91
CA SER C 131 5.96 10.19 -6.64
C SER C 131 5.80 11.49 -5.84
N VAL C 132 4.81 12.31 -6.22
CA VAL C 132 4.46 13.58 -5.56
C VAL C 132 4.03 13.25 -4.11
N SER C 133 3.16 12.26 -3.96
CA SER C 133 2.68 11.79 -2.67
C SER C 133 3.84 11.34 -1.76
N THR C 134 4.77 10.54 -2.29
CA THR C 134 5.95 10.04 -1.57
C THR C 134 6.75 11.18 -0.98
N VAL C 135 7.04 12.20 -1.76
CA VAL C 135 7.75 13.41 -1.35
C VAL C 135 6.95 14.17 -0.26
N LEU C 136 5.66 14.46 -0.48
CA LEU C 136 4.89 15.19 0.53
C LEU C 136 4.66 14.41 1.85
N THR C 137 4.68 13.09 1.82
CA THR C 137 4.48 12.25 3.02
C THR C 137 5.76 11.73 3.63
N SER C 138 6.93 12.12 3.07
CA SER C 138 8.22 11.68 3.60
C SER C 138 8.93 12.78 4.38
N LYS C 139 9.65 12.40 5.41
CA LYS C 139 10.47 13.31 6.20
C LYS C 139 11.87 13.13 5.63
N TYR C 140 12.39 14.14 4.89
CA TYR C 140 13.70 14.02 4.26
C TYR C 140 14.64 15.24 4.48
N ARG C 141 14.26 16.17 5.40
CA ARG C 141 15.06 17.37 5.71
CA ARG C 141 15.06 17.37 5.73
C ARG C 141 16.28 17.01 6.59
N VAL D 1 -22.81 -4.06 1.83
CA VAL D 1 -22.77 -2.62 1.57
C VAL D 1 -24.17 -2.04 1.67
N HIS D 2 -24.30 -0.90 2.36
CA HIS D 2 -25.56 -0.17 2.46
C HIS D 2 -25.44 1.10 1.63
N LEU D 3 -26.52 1.43 0.89
CA LEU D 3 -26.63 2.63 0.06
C LEU D 3 -27.99 3.29 0.30
N THR D 4 -28.03 4.62 0.23
CA THR D 4 -29.29 5.37 0.40
C THR D 4 -30.19 5.15 -0.83
N PRO D 5 -31.54 5.16 -0.72
CA PRO D 5 -32.39 4.96 -1.92
C PRO D 5 -32.04 5.89 -3.11
N GLU D 6 -31.50 7.10 -2.79
CA GLU D 6 -31.05 8.12 -3.75
C GLU D 6 -29.73 7.68 -4.40
N GLU D 7 -28.82 7.02 -3.63
CA GLU D 7 -27.55 6.51 -4.13
C GLU D 7 -27.82 5.27 -4.97
N LYS D 8 -28.74 4.39 -4.49
CA LYS D 8 -29.17 3.15 -5.14
C LYS D 8 -29.70 3.47 -6.52
N SER D 9 -30.51 4.54 -6.65
CA SER D 9 -31.08 5.02 -7.91
C SER D 9 -30.02 5.66 -8.80
N ALA D 10 -29.09 6.46 -8.23
CA ALA D 10 -28.04 7.12 -9.02
C ALA D 10 -27.07 6.09 -9.59
N VAL D 11 -26.86 5.01 -8.85
CA VAL D 11 -25.97 3.91 -9.25
C VAL D 11 -26.61 3.09 -10.36
N THR D 12 -27.88 2.64 -10.18
CA THR D 12 -28.65 1.87 -11.16
C THR D 12 -28.78 2.63 -12.47
N ALA D 13 -29.10 3.95 -12.40
CA ALA D 13 -29.28 4.85 -13.55
C ALA D 13 -28.03 4.91 -14.46
N LEU D 14 -26.86 5.24 -13.89
CA LEU D 14 -25.59 5.31 -14.63
C LEU D 14 -25.20 3.92 -15.14
N TRP D 15 -25.40 2.85 -14.33
CA TRP D 15 -25.03 1.48 -14.66
C TRP D 15 -25.85 0.90 -15.79
N GLY D 16 -27.11 1.33 -15.92
CA GLY D 16 -28.01 0.89 -16.99
C GLY D 16 -27.52 1.38 -18.35
N LYS D 17 -26.74 2.49 -18.34
CA LYS D 17 -26.18 3.14 -19.53
C LYS D 17 -24.78 2.66 -19.90
N VAL D 18 -24.19 1.75 -19.09
CA VAL D 18 -22.84 1.21 -19.29
C VAL D 18 -22.72 0.39 -20.59
N ASN D 19 -21.66 0.66 -21.39
CA ASN D 19 -21.39 -0.10 -22.62
C ASN D 19 -20.73 -1.39 -22.17
N VAL D 20 -21.53 -2.47 -22.11
CA VAL D 20 -21.13 -3.79 -21.61
C VAL D 20 -19.98 -4.40 -22.39
N ASP D 21 -19.83 -4.01 -23.65
CA ASP D 21 -18.76 -4.49 -24.50
C ASP D 21 -17.43 -3.77 -24.30
N GLU D 22 -17.44 -2.52 -23.77
CA GLU D 22 -16.22 -1.71 -23.66
C GLU D 22 -15.68 -1.40 -22.26
N VAL D 23 -16.55 -1.11 -21.30
CA VAL D 23 -16.19 -0.66 -19.96
C VAL D 23 -15.32 -1.67 -19.19
N GLY D 24 -15.70 -2.95 -19.22
CA GLY D 24 -14.98 -4.05 -18.56
C GLY D 24 -13.61 -4.29 -19.16
N GLY D 25 -13.54 -4.39 -20.49
CA GLY D 25 -12.27 -4.53 -21.22
C GLY D 25 -11.38 -3.31 -21.03
N GLU D 26 -12.00 -2.12 -20.86
CA GLU D 26 -11.25 -0.89 -20.59
C GLU D 26 -10.73 -0.90 -19.18
N ALA D 27 -11.55 -1.32 -18.21
CA ALA D 27 -11.13 -1.38 -16.82
C ALA D 27 -9.99 -2.39 -16.65
N LEU D 28 -10.12 -3.59 -17.23
CA LEU D 28 -9.06 -4.59 -17.21
C LEU D 28 -7.82 -4.12 -18.01
N GLY D 29 -8.05 -3.51 -19.17
CA GLY D 29 -6.96 -2.97 -19.99
C GLY D 29 -6.14 -1.96 -19.22
N ARG D 30 -6.82 -0.98 -18.62
CA ARG D 30 -6.20 0.06 -17.82
C ARG D 30 -5.54 -0.45 -16.58
N LEU D 31 -6.06 -1.56 -16.00
CA LEU D 31 -5.45 -2.20 -14.84
C LEU D 31 -4.06 -2.68 -15.24
N LEU D 32 -3.96 -3.39 -16.39
CA LEU D 32 -2.74 -3.98 -16.97
C LEU D 32 -1.72 -2.94 -17.42
N VAL D 33 -2.22 -1.78 -17.90
CA VAL D 33 -1.38 -0.66 -18.33
C VAL D 33 -0.86 0.14 -17.12
N VAL D 34 -1.76 0.61 -16.26
CA VAL D 34 -1.42 1.41 -15.06
C VAL D 34 -0.64 0.60 -14.01
N TYR D 35 -0.96 -0.69 -13.86
CA TYR D 35 -0.27 -1.53 -12.87
C TYR D 35 0.33 -2.68 -13.64
N PRO D 36 1.53 -2.47 -14.26
CA PRO D 36 2.09 -3.50 -15.15
C PRO D 36 2.30 -4.89 -14.55
N TRP D 37 2.47 -5.02 -13.21
CA TRP D 37 2.65 -6.33 -12.60
C TRP D 37 1.45 -7.24 -12.76
N THR D 38 0.24 -6.66 -12.94
CA THR D 38 -1.00 -7.44 -13.09
C THR D 38 -1.00 -8.27 -14.39
N GLN D 39 -0.14 -7.92 -15.38
CA GLN D 39 0.04 -8.62 -16.68
C GLN D 39 0.57 -10.05 -16.51
N ARG D 40 1.24 -10.34 -15.37
CA ARG D 40 1.80 -11.63 -15.02
C ARG D 40 0.70 -12.68 -14.87
N PHE D 41 -0.47 -12.29 -14.35
CA PHE D 41 -1.62 -13.17 -14.10
C PHE D 41 -2.37 -13.51 -15.39
N PHE D 42 -2.12 -12.73 -16.44
CA PHE D 42 -2.76 -12.79 -17.73
C PHE D 42 -1.79 -13.10 -18.88
N GLU D 43 -0.82 -13.98 -18.63
CA GLU D 43 0.20 -14.37 -19.61
C GLU D 43 -0.37 -15.12 -20.81
N SER D 44 -1.42 -15.94 -20.60
CA SER D 44 -2.12 -16.71 -21.63
C SER D 44 -2.78 -15.82 -22.71
N PHE D 45 -2.93 -14.54 -22.43
CA PHE D 45 -3.56 -13.55 -23.30
C PHE D 45 -2.69 -13.17 -24.49
N GLY D 46 -1.39 -13.44 -24.37
CA GLY D 46 -0.45 -13.15 -25.43
C GLY D 46 0.18 -11.78 -25.31
N ASP D 47 0.09 -11.01 -26.40
CA ASP D 47 0.66 -9.66 -26.53
C ASP D 47 0.01 -8.63 -25.61
N LEU D 48 0.78 -8.20 -24.59
CA LEU D 48 0.40 -7.18 -23.60
C LEU D 48 1.60 -6.25 -23.35
N SER D 49 2.42 -6.02 -24.39
CA SER D 49 3.67 -5.25 -24.32
C SER D 49 3.52 -3.72 -24.45
N THR D 50 2.45 -3.24 -25.10
CA THR D 50 2.19 -1.80 -25.26
C THR D 50 0.72 -1.50 -24.83
N PRO D 51 0.34 -0.24 -24.50
CA PRO D 51 -1.08 0.01 -24.20
C PRO D 51 -1.99 -0.37 -25.37
N ASP D 52 -1.54 -0.10 -26.62
CA ASP D 52 -2.29 -0.40 -27.84
C ASP D 52 -2.57 -1.91 -28.01
N ALA D 53 -1.55 -2.77 -27.75
CA ALA D 53 -1.65 -4.23 -27.79
C ALA D 53 -2.59 -4.76 -26.68
N VAL D 54 -2.61 -4.10 -25.49
CA VAL D 54 -3.45 -4.44 -24.33
C VAL D 54 -4.94 -4.08 -24.62
N MET D 55 -5.18 -2.83 -25.07
CA MET D 55 -6.52 -2.32 -25.35
C MET D 55 -7.19 -2.98 -26.57
N GLY D 56 -6.38 -3.47 -27.52
CA GLY D 56 -6.88 -4.15 -28.72
C GLY D 56 -6.85 -5.68 -28.65
N ASN D 57 -6.43 -6.24 -27.50
CA ASN D 57 -6.34 -7.69 -27.26
C ASN D 57 -7.76 -8.23 -27.00
N PRO D 58 -8.24 -9.22 -27.80
CA PRO D 58 -9.62 -9.72 -27.60
C PRO D 58 -9.83 -10.51 -26.31
N LYS D 59 -8.77 -11.01 -25.68
CA LYS D 59 -8.86 -11.75 -24.42
C LYS D 59 -9.13 -10.79 -23.27
N VAL D 60 -8.52 -9.60 -23.33
CA VAL D 60 -8.68 -8.54 -22.33
C VAL D 60 -10.13 -8.07 -22.35
N LYS D 61 -10.64 -7.83 -23.58
CA LYS D 61 -12.01 -7.39 -23.85
C LYS D 61 -13.02 -8.42 -23.40
N ALA D 62 -12.79 -9.71 -23.71
CA ALA D 62 -13.72 -10.79 -23.34
C ALA D 62 -13.68 -11.07 -21.84
N HIS D 63 -12.48 -11.14 -21.23
CA HIS D 63 -12.36 -11.33 -19.79
C HIS D 63 -12.91 -10.12 -19.03
N GLY D 64 -12.72 -8.91 -19.59
CA GLY D 64 -13.21 -7.66 -19.02
C GLY D 64 -14.73 -7.62 -18.96
N LYS D 65 -15.40 -8.26 -19.93
CA LYS D 65 -16.84 -8.40 -19.96
C LYS D 65 -17.23 -9.32 -18.78
N LYS D 66 -16.46 -10.42 -18.57
CA LYS D 66 -16.69 -11.34 -17.42
C LYS D 66 -16.60 -10.59 -16.09
N VAL D 67 -15.53 -9.77 -15.93
CA VAL D 67 -15.25 -8.92 -14.76
C VAL D 67 -16.41 -7.95 -14.51
N LEU D 68 -16.81 -7.21 -15.54
CA LEU D 68 -17.93 -6.27 -15.48
C LEU D 68 -19.22 -6.95 -15.04
N GLY D 69 -19.44 -8.19 -15.50
CA GLY D 69 -20.59 -9.02 -15.15
C GLY D 69 -20.58 -9.42 -13.70
N ALA D 70 -19.38 -9.66 -13.12
CA ALA D 70 -19.19 -9.99 -11.71
C ALA D 70 -19.51 -8.73 -10.90
N PHE D 71 -19.10 -7.53 -11.37
CA PHE D 71 -19.43 -6.26 -10.72
C PHE D 71 -20.96 -6.00 -10.73
N SER D 72 -21.63 -6.30 -11.85
CA SER D 72 -23.07 -6.16 -12.07
C SER D 72 -23.86 -7.07 -11.09
N ASP D 73 -23.35 -8.31 -10.90
CA ASP D 73 -23.86 -9.33 -9.98
C ASP D 73 -23.75 -8.77 -8.57
N GLY D 74 -22.66 -8.01 -8.32
CA GLY D 74 -22.40 -7.33 -7.05
C GLY D 74 -23.48 -6.31 -6.74
N LEU D 75 -23.74 -5.39 -7.68
CA LEU D 75 -24.75 -4.34 -7.59
C LEU D 75 -26.17 -4.91 -7.44
N ALA D 76 -26.35 -6.19 -7.83
CA ALA D 76 -27.65 -6.87 -7.71
C ALA D 76 -27.79 -7.58 -6.36
N HIS D 77 -26.66 -7.77 -5.62
CA HIS D 77 -26.67 -8.46 -4.32
C HIS D 77 -25.82 -7.72 -3.27
N LEU D 78 -25.95 -6.38 -3.21
CA LEU D 78 -25.22 -5.49 -2.30
C LEU D 78 -25.25 -5.90 -0.83
N ASP D 79 -26.38 -6.47 -0.39
CA ASP D 79 -26.65 -6.94 0.97
C ASP D 79 -25.89 -8.24 1.34
N ASN D 80 -25.31 -8.92 0.31
CA ASN D 80 -24.55 -10.16 0.48
C ASN D 80 -23.47 -10.32 -0.59
N LEU D 81 -22.43 -9.47 -0.50
CA LEU D 81 -21.28 -9.55 -1.40
C LEU D 81 -20.37 -10.75 -1.06
N LYS D 82 -20.31 -11.13 0.23
CA LYS D 82 -19.53 -12.25 0.74
C LYS D 82 -20.00 -13.58 0.14
N GLY D 83 -21.32 -13.81 0.18
CA GLY D 83 -21.95 -14.99 -0.40
C GLY D 83 -21.85 -15.04 -1.91
N THR D 84 -22.10 -13.89 -2.57
CA THR D 84 -22.06 -13.69 -4.03
C THR D 84 -20.68 -14.01 -4.63
N PHE D 85 -19.61 -13.52 -3.98
CA PHE D 85 -18.22 -13.64 -4.42
C PHE D 85 -17.38 -14.69 -3.67
N ALA D 86 -17.97 -15.58 -2.85
CA ALA D 86 -17.20 -16.59 -2.10
C ALA D 86 -16.31 -17.46 -3.00
N THR D 87 -16.91 -18.06 -4.06
CA THR D 87 -16.23 -18.92 -5.04
C THR D 87 -15.22 -18.14 -5.90
N LEU D 88 -15.57 -16.87 -6.27
CA LEU D 88 -14.68 -16.01 -7.02
C LEU D 88 -13.49 -15.69 -6.14
N SER D 89 -13.74 -15.44 -4.82
CA SER D 89 -12.74 -15.19 -3.80
C SER D 89 -11.78 -16.39 -3.70
N GLU D 90 -12.33 -17.64 -3.71
CA GLU D 90 -11.57 -18.91 -3.66
C GLU D 90 -10.58 -18.96 -4.80
N LEU D 91 -11.06 -18.72 -6.05
CA LEU D 91 -10.26 -18.71 -7.27
C LEU D 91 -9.05 -17.75 -7.23
N HIS D 92 -9.30 -16.50 -6.86
CA HIS D 92 -8.30 -15.43 -6.81
C HIS D 92 -7.26 -15.60 -5.72
N CYS D 93 -7.70 -16.01 -4.54
CA CYS D 93 -6.83 -16.21 -3.40
C CYS D 93 -6.06 -17.54 -3.49
N ASP D 94 -6.76 -18.67 -3.70
CA ASP D 94 -6.20 -20.01 -3.66
C ASP D 94 -5.70 -20.65 -4.99
N LYS D 95 -6.25 -20.24 -6.16
CA LYS D 95 -5.80 -20.80 -7.44
C LYS D 95 -4.91 -19.84 -8.23
N LEU D 96 -5.21 -18.52 -8.17
CA LEU D 96 -4.45 -17.53 -8.92
C LEU D 96 -3.39 -16.84 -8.12
N HIS D 97 -3.57 -16.77 -6.79
CA HIS D 97 -2.69 -16.10 -5.81
C HIS D 97 -2.57 -14.56 -6.07
N VAL D 98 -3.70 -13.92 -6.29
CA VAL D 98 -3.78 -12.47 -6.54
C VAL D 98 -3.77 -11.73 -5.20
N ASP D 99 -2.85 -10.76 -5.01
CA ASP D 99 -2.82 -9.98 -3.77
C ASP D 99 -4.11 -9.15 -3.64
N PRO D 100 -4.80 -9.15 -2.47
CA PRO D 100 -6.07 -8.40 -2.33
C PRO D 100 -6.01 -6.92 -2.66
N GLU D 101 -4.81 -6.32 -2.59
CA GLU D 101 -4.61 -4.91 -2.92
C GLU D 101 -4.97 -4.68 -4.39
N ASN D 102 -4.80 -5.73 -5.25
CA ASN D 102 -5.11 -5.64 -6.68
C ASN D 102 -6.62 -5.44 -6.95
N PHE D 103 -7.48 -5.99 -6.09
CA PHE D 103 -8.93 -5.89 -6.18
C PHE D 103 -9.35 -4.42 -5.99
N ARG D 104 -8.69 -3.74 -5.04
CA ARG D 104 -8.90 -2.34 -4.73
C ARG D 104 -8.41 -1.53 -5.94
N LEU D 105 -7.27 -1.94 -6.53
CA LEU D 105 -6.69 -1.33 -7.74
C LEU D 105 -7.68 -1.41 -8.89
N LEU D 106 -8.30 -2.59 -9.12
CA LEU D 106 -9.25 -2.75 -10.22
C LEU D 106 -10.51 -1.95 -9.97
N GLY D 107 -11.06 -2.03 -8.75
CA GLY D 107 -12.25 -1.28 -8.35
C GLY D 107 -12.13 0.21 -8.67
N ASN D 108 -10.94 0.81 -8.39
CA ASN D 108 -10.65 2.23 -8.65
C ASN D 108 -10.45 2.56 -10.11
N VAL D 109 -9.87 1.61 -10.88
CA VAL D 109 -9.69 1.73 -12.33
C VAL D 109 -11.09 1.74 -13.00
N LEU D 110 -12.03 0.89 -12.51
CA LEU D 110 -13.40 0.82 -13.04
C LEU D 110 -14.10 2.16 -12.87
N VAL D 111 -13.94 2.79 -11.68
CA VAL D 111 -14.45 4.11 -11.30
C VAL D 111 -13.86 5.15 -12.28
N CYS D 112 -12.54 5.07 -12.57
CA CYS D 112 -11.85 5.94 -13.54
C CYS D 112 -12.48 5.78 -14.92
N VAL D 113 -12.76 4.53 -15.33
CA VAL D 113 -13.42 4.24 -16.62
C VAL D 113 -14.85 4.80 -16.61
N LEU D 114 -15.61 4.68 -15.51
CA LEU D 114 -16.99 5.23 -15.41
C LEU D 114 -16.97 6.75 -15.51
N ALA D 115 -15.93 7.41 -14.93
CA ALA D 115 -15.71 8.85 -14.97
C ALA D 115 -15.42 9.28 -16.41
N HIS D 116 -14.57 8.49 -17.08
CA HIS D 116 -14.14 8.67 -18.46
C HIS D 116 -15.30 8.48 -19.44
N HIS D 117 -16.16 7.50 -19.20
CA HIS D 117 -17.31 7.21 -20.04
C HIS D 117 -18.46 8.20 -19.85
N PHE D 118 -18.76 8.55 -18.58
CA PHE D 118 -19.91 9.39 -18.27
C PHE D 118 -19.59 10.87 -18.08
N GLY D 119 -18.31 11.25 -17.98
CA GLY D 119 -17.88 12.64 -17.82
C GLY D 119 -18.46 13.35 -16.62
N LYS D 120 -19.09 14.52 -16.86
CA LYS D 120 -19.72 15.39 -15.84
C LYS D 120 -20.90 14.71 -15.10
N GLU D 121 -21.52 13.70 -15.74
CA GLU D 121 -22.62 12.91 -15.21
C GLU D 121 -22.17 11.97 -14.08
N PHE D 122 -20.84 11.71 -13.98
CA PHE D 122 -20.25 10.92 -12.90
C PHE D 122 -19.88 11.94 -11.83
N THR D 123 -20.90 12.47 -11.16
CA THR D 123 -20.79 13.54 -10.15
C THR D 123 -20.09 13.06 -8.85
N PRO D 124 -19.53 13.96 -7.99
CA PRO D 124 -18.97 13.50 -6.70
C PRO D 124 -19.94 12.61 -5.88
N PRO D 125 -21.28 12.88 -5.72
CA PRO D 125 -22.14 11.93 -4.97
C PRO D 125 -22.33 10.57 -5.65
N VAL D 126 -22.30 10.56 -7.00
CA VAL D 126 -22.42 9.33 -7.80
C VAL D 126 -21.12 8.52 -7.61
N GLN D 127 -19.93 9.21 -7.65
CA GLN D 127 -18.64 8.55 -7.41
C GLN D 127 -18.60 7.91 -6.04
N ALA D 128 -19.01 8.66 -4.99
CA ALA D 128 -19.02 8.23 -3.61
C ALA D 128 -19.77 6.92 -3.39
N ALA D 129 -20.96 6.79 -4.00
CA ALA D 129 -21.77 5.58 -3.92
C ALA D 129 -20.99 4.44 -4.61
N TYR D 130 -20.47 4.67 -5.85
CA TYR D 130 -19.68 3.66 -6.58
C TYR D 130 -18.44 3.21 -5.81
N GLN D 131 -17.89 4.11 -4.94
CA GLN D 131 -16.75 3.79 -4.07
C GLN D 131 -17.17 2.78 -3.01
N LYS D 132 -18.42 2.88 -2.52
CA LYS D 132 -18.92 1.96 -1.51
C LYS D 132 -19.08 0.57 -2.13
N VAL D 133 -19.62 0.51 -3.35
CA VAL D 133 -19.81 -0.75 -4.07
C VAL D 133 -18.46 -1.42 -4.42
N VAL D 134 -17.50 -0.69 -5.04
CA VAL D 134 -16.20 -1.29 -5.43
C VAL D 134 -15.35 -1.70 -4.24
N ALA D 135 -15.46 -0.97 -3.10
CA ALA D 135 -14.78 -1.31 -1.83
C ALA D 135 -15.43 -2.60 -1.30
N GLY D 136 -16.77 -2.70 -1.44
CA GLY D 136 -17.54 -3.87 -1.06
C GLY D 136 -17.20 -5.09 -1.90
N VAL D 137 -17.04 -4.90 -3.22
CA VAL D 137 -16.65 -5.97 -4.16
C VAL D 137 -15.16 -6.43 -3.85
N ALA D 138 -14.19 -5.49 -3.72
CA ALA D 138 -12.79 -5.84 -3.38
C ALA D 138 -12.71 -6.62 -2.07
N ASN D 139 -13.42 -6.13 -1.03
CA ASN D 139 -13.48 -6.73 0.30
C ASN D 139 -14.03 -8.15 0.26
N ALA D 140 -15.18 -8.33 -0.41
CA ALA D 140 -15.83 -9.62 -0.61
C ALA D 140 -14.90 -10.59 -1.32
N LEU D 141 -14.12 -10.10 -2.33
CA LEU D 141 -13.15 -10.94 -3.06
C LEU D 141 -11.94 -11.31 -2.21
N ALA D 142 -11.63 -10.48 -1.20
CA ALA D 142 -10.52 -10.70 -0.26
C ALA D 142 -10.91 -11.59 0.95
N HIS D 143 -12.21 -11.88 1.12
CA HIS D 143 -12.81 -12.69 2.21
C HIS D 143 -12.13 -14.03 2.50
N LYS D 144 -11.53 -14.70 1.49
CA LYS D 144 -10.89 -16.01 1.72
C LYS D 144 -9.58 -15.90 2.54
N TYR D 145 -8.99 -14.69 2.64
CA TYR D 145 -7.81 -14.44 3.48
C TYR D 145 -8.31 -14.07 4.89
N HIS D 146 -9.59 -13.67 5.00
CA HIS D 146 -10.25 -13.24 6.25
C HIS D 146 -10.88 -14.41 7.01
#